data_3O0M
#
_entry.id   3O0M
#
_cell.length_a   59.150
_cell.length_b   63.520
_cell.length_c   76.500
_cell.angle_alpha   90.00
_cell.angle_beta   100.51
_cell.angle_gamma   90.00
#
_symmetry.space_group_name_H-M   'C 1 2 1'
#
loop_
_entity.id
_entity.type
_entity.pdbx_description
1 polymer 'HIT family protein'
2 non-polymer 'ZINC ION'
3 non-polymer 'ACETATE ION'
4 non-polymer 'ADENOSINE MONOPHOSPHATE'
5 non-polymer (4S)-2-METHYL-2,4-PENTANEDIOL
6 water water
#
_entity_poly.entity_id   1
_entity_poly.type   'polypeptide(L)'
_entity_poly.pdbx_seq_one_letter_code
;GPGSMSCVFCAIVSGDAPAIRIYEDENFLGILDIRPFTRGHTLVIPKTHTVDLTDTPPETVAGMAAVGQRIARAARESGL
HADGNNIAINDGKAAFQTVFHIHLHVVPRRNGDKLSFAKGMVMRRDPDREESGRLLRAALAQLDSAEQD
;
_entity_poly.pdbx_strand_id   A,B
#
# COMPACT_ATOMS: atom_id res chain seq x y z
N GLY A 3 5.70 6.11 -21.56
CA GLY A 3 4.30 6.55 -21.26
C GLY A 3 4.26 7.72 -20.30
N SER A 4 5.16 7.69 -19.32
CA SER A 4 5.23 8.70 -18.27
CA SER A 4 5.21 8.71 -18.27
C SER A 4 5.49 10.11 -18.82
N MET A 5 6.28 10.19 -19.89
CA MET A 5 6.59 11.51 -20.46
C MET A 5 5.51 12.05 -21.40
N SER A 6 4.59 11.19 -21.85
CA SER A 6 3.56 11.59 -22.82
C SER A 6 2.12 11.62 -22.29
N CYS A 7 1.90 11.03 -21.13
CA CYS A 7 0.57 10.95 -20.54
C CYS A 7 0.63 11.42 -19.10
N VAL A 8 -0.14 12.44 -18.76
CA VAL A 8 -0.08 13.02 -17.42
C VAL A 8 -0.50 12.03 -16.32
N PHE A 9 -1.44 11.13 -16.65
CA PHE A 9 -1.87 10.13 -15.65
C PHE A 9 -0.82 9.04 -15.49
N CYS A 10 -0.17 8.61 -16.57
CA CYS A 10 1.03 7.75 -16.44
C CYS A 10 2.14 8.41 -15.61
N ALA A 11 2.38 9.69 -15.85
CA ALA A 11 3.40 10.43 -15.09
C ALA A 11 3.09 10.45 -13.59
N ILE A 12 1.82 10.66 -13.24
CA ILE A 12 1.42 10.67 -11.83
C ILE A 12 1.61 9.27 -11.22
N VAL A 13 1.16 8.23 -11.94
CA VAL A 13 1.35 6.84 -11.50
C VAL A 13 2.82 6.50 -11.26
N SER A 14 3.69 6.96 -12.16
CA SER A 14 5.14 6.77 -12.03
C SER A 14 5.82 7.67 -10.97
N GLY A 15 5.08 8.57 -10.33
CA GLY A 15 5.68 9.52 -9.38
C GLY A 15 6.54 10.58 -10.05
N ASP A 16 6.22 10.87 -11.31
CA ASP A 16 6.96 11.88 -12.09
C ASP A 16 6.18 13.19 -12.24
N ALA A 17 4.94 13.25 -11.72
CA ALA A 17 4.14 14.47 -11.76
C ALA A 17 3.31 14.54 -10.49
N PRO A 18 2.96 15.76 -10.04
CA PRO A 18 2.35 15.87 -8.72
C PRO A 18 0.88 15.44 -8.68
N ALA A 19 0.47 14.95 -7.52
CA ALA A 19 -0.94 14.63 -7.25
C ALA A 19 -1.15 14.61 -5.75
N ILE A 20 -2.38 14.91 -5.33
CA ILE A 20 -2.80 14.62 -3.97
C ILE A 20 -3.40 13.23 -4.01
N ARG A 21 -2.68 12.27 -3.46
CA ARG A 21 -3.07 10.87 -3.54
C ARG A 21 -3.93 10.52 -2.35
N ILE A 22 -5.03 9.82 -2.58
CA ILE A 22 -5.90 9.40 -1.47
C ILE A 22 -6.09 7.88 -1.35
N TYR A 23 -5.77 7.13 -2.41
CA TYR A 23 -5.89 5.68 -2.39
C TYR A 23 -4.88 5.03 -3.33
N GLU A 24 -4.35 3.87 -2.93
CA GLU A 24 -3.49 3.10 -3.83
C GLU A 24 -3.49 1.63 -3.49
N ASP A 25 -3.59 0.79 -4.51
CA ASP A 25 -3.36 -0.64 -4.38
C ASP A 25 -2.48 -1.09 -5.56
N GLU A 26 -2.34 -2.40 -5.76
CA GLU A 26 -1.43 -2.90 -6.81
C GLU A 26 -1.80 -2.41 -8.23
N ASN A 27 -3.08 -2.14 -8.47
CA ASN A 27 -3.55 -1.90 -9.81
C ASN A 27 -4.15 -0.52 -10.06
N PHE A 28 -4.49 0.18 -9.00
CA PHE A 28 -5.20 1.47 -9.09
C PHE A 28 -4.63 2.54 -8.18
N LEU A 29 -4.76 3.78 -8.63
CA LEU A 29 -4.37 4.97 -7.88
C LEU A 29 -5.55 5.92 -7.88
N GLY A 30 -5.91 6.42 -6.69
CA GLY A 30 -6.96 7.42 -6.54
C GLY A 30 -6.33 8.74 -6.16
N ILE A 31 -6.61 9.79 -6.92
CA ILE A 31 -6.08 11.12 -6.68
C ILE A 31 -7.21 12.14 -6.70
N LEU A 32 -6.95 13.32 -6.14
CA LEU A 32 -7.91 14.42 -6.27
C LEU A 32 -7.81 15.04 -7.65
N ASP A 33 -8.98 15.31 -8.24
CA ASP A 33 -9.04 16.07 -9.49
C ASP A 33 -8.47 17.48 -9.22
N ILE A 34 -7.76 18.04 -10.20
CA ILE A 34 -7.25 19.40 -10.08
C ILE A 34 -8.30 20.45 -10.38
N ARG A 35 -9.40 20.05 -11.03
CA ARG A 35 -10.53 20.96 -11.29
C ARG A 35 -11.81 20.34 -10.69
N PRO A 36 -11.91 20.35 -9.35
CA PRO A 36 -13.00 19.58 -8.72
C PRO A 36 -14.37 20.20 -8.90
N PHE A 37 -15.36 19.36 -9.22
CA PHE A 37 -16.74 19.79 -9.22
C PHE A 37 -17.21 20.05 -7.78
N THR A 38 -16.76 19.22 -6.86
CA THR A 38 -17.01 19.38 -5.43
C THR A 38 -15.75 19.00 -4.65
N ARG A 39 -15.69 19.40 -3.39
CA ARG A 39 -14.55 19.03 -2.56
C ARG A 39 -14.52 17.52 -2.38
N GLY A 40 -13.35 16.93 -2.63
CA GLY A 40 -13.18 15.47 -2.57
C GLY A 40 -13.39 14.75 -3.89
N HIS A 41 -13.64 15.52 -4.95
CA HIS A 41 -13.76 14.95 -6.31
C HIS A 41 -12.49 14.16 -6.64
N THR A 42 -12.67 12.87 -6.81
CA THR A 42 -11.57 11.92 -6.93
C THR A 42 -11.62 11.22 -8.29
N LEU A 43 -10.42 10.96 -8.82
CA LEU A 43 -10.22 10.15 -10.00
C LEU A 43 -9.59 8.82 -9.62
N VAL A 44 -10.18 7.73 -10.10
CA VAL A 44 -9.60 6.38 -9.93
C VAL A 44 -8.94 6.03 -11.25
N ILE A 45 -7.64 5.74 -11.19
CA ILE A 45 -6.79 5.64 -12.38
C ILE A 45 -6.11 4.28 -12.36
N PRO A 46 -6.44 3.40 -13.31
CA PRO A 46 -5.68 2.14 -13.48
C PRO A 46 -4.21 2.44 -13.78
N LYS A 47 -3.30 1.71 -13.13
CA LYS A 47 -1.88 1.98 -13.28
C LYS A 47 -1.38 1.62 -14.68
N THR A 48 -2.05 0.69 -15.34
CA THR A 48 -1.79 0.38 -16.74
C THR A 48 -2.51 1.37 -17.65
N HIS A 49 -1.78 1.90 -18.64
CA HIS A 49 -2.37 2.82 -19.61
C HIS A 49 -3.19 2.07 -20.68
N THR A 50 -4.50 2.28 -20.64
CA THR A 50 -5.39 2.08 -21.79
C THR A 50 -6.24 3.34 -21.90
N VAL A 51 -6.91 3.54 -23.03
CA VAL A 51 -7.57 4.81 -23.33
C VAL A 51 -9.04 4.88 -22.88
N ASP A 52 -9.84 3.91 -23.26
CA ASP A 52 -11.28 3.98 -23.02
C ASP A 52 -11.94 2.59 -22.94
N LEU A 53 -13.26 2.52 -23.08
CA LEU A 53 -13.97 1.25 -22.94
C LEU A 53 -13.70 0.26 -24.09
N THR A 54 -13.22 0.75 -25.23
CA THR A 54 -12.88 -0.15 -26.34
C THR A 54 -11.59 -0.96 -26.13
N ASP A 55 -10.65 -0.48 -25.31
CA ASP A 55 -9.33 -1.14 -25.18
C ASP A 55 -8.93 -1.46 -23.74
N THR A 56 -9.84 -1.28 -22.80
CA THR A 56 -9.56 -1.55 -21.39
C THR A 56 -10.15 -2.91 -21.03
N PRO A 57 -9.34 -3.82 -20.45
CA PRO A 57 -9.89 -5.12 -20.09
C PRO A 57 -11.07 -5.00 -19.13
N PRO A 58 -12.10 -5.83 -19.30
CA PRO A 58 -13.25 -5.78 -18.41
C PRO A 58 -12.85 -5.90 -16.93
N GLU A 59 -11.84 -6.70 -16.64
CA GLU A 59 -11.38 -6.88 -15.26
C GLU A 59 -10.89 -5.54 -14.67
N THR A 60 -10.29 -4.71 -15.50
CA THR A 60 -9.83 -3.38 -15.08
C THR A 60 -11.00 -2.40 -14.83
N VAL A 61 -11.96 -2.35 -15.75
CA VAL A 61 -13.18 -1.57 -15.57
C VAL A 61 -13.91 -1.99 -14.29
N ALA A 62 -14.10 -3.31 -14.12
CA ALA A 62 -14.73 -3.88 -12.93
C ALA A 62 -14.03 -3.42 -11.63
N GLY A 63 -12.70 -3.54 -11.60
CA GLY A 63 -11.92 -3.16 -10.44
C GLY A 63 -11.95 -1.68 -10.16
N MET A 64 -11.89 -0.88 -11.22
CA MET A 64 -11.99 0.58 -11.12
C MET A 64 -13.29 1.02 -10.44
N ALA A 65 -14.37 0.38 -10.84
CA ALA A 65 -15.69 0.60 -10.22
C ALA A 65 -15.72 0.22 -8.76
N ALA A 66 -15.10 -0.90 -8.41
CA ALA A 66 -15.05 -1.35 -7.01
C ALA A 66 -14.30 -0.36 -6.12
N VAL A 67 -13.17 0.14 -6.62
CA VAL A 67 -12.39 1.16 -5.91
C VAL A 67 -13.19 2.46 -5.78
N GLY A 68 -13.85 2.86 -6.87
CA GLY A 68 -14.77 4.00 -6.83
C GLY A 68 -15.83 3.88 -5.76
N GLN A 69 -16.46 2.72 -5.67
CA GLN A 69 -17.39 2.42 -4.56
C GLN A 69 -16.76 2.64 -3.17
N ARG A 70 -15.55 2.12 -2.98
CA ARG A 70 -14.90 2.26 -1.68
C ARG A 70 -14.67 3.72 -1.31
N ILE A 71 -14.26 4.51 -2.30
CA ILE A 71 -14.04 5.94 -2.10
C ILE A 71 -15.37 6.69 -1.84
N ALA A 72 -16.42 6.29 -2.55
CA ALA A 72 -17.78 6.80 -2.32
C ALA A 72 -18.25 6.55 -0.88
N ARG A 73 -18.09 5.32 -0.42
CA ARG A 73 -18.43 4.96 0.95
C ARG A 73 -17.62 5.79 1.95
N ALA A 74 -16.34 5.98 1.68
CA ALA A 74 -15.48 6.76 2.57
C ALA A 74 -16.00 8.20 2.63
N ALA A 75 -16.26 8.80 1.48
CA ALA A 75 -16.75 10.19 1.43
C ALA A 75 -18.02 10.37 2.29
N ARG A 76 -18.94 9.41 2.18
CA ARG A 76 -20.16 9.41 2.98
C ARG A 76 -19.96 9.37 4.51
N GLU A 77 -18.84 8.81 4.97
CA GLU A 77 -18.55 8.78 6.41
C GLU A 77 -17.48 9.79 6.81
N SER A 78 -17.07 10.65 5.87
CA SER A 78 -15.93 11.53 6.04
C SER A 78 -16.33 12.89 6.57
N GLY A 79 -15.34 13.68 6.97
CA GLY A 79 -15.51 15.07 7.33
C GLY A 79 -15.88 16.01 6.18
N LEU A 80 -15.95 15.50 4.95
CA LEU A 80 -16.53 16.26 3.84
C LEU A 80 -18.07 16.12 3.80
N HIS A 81 -18.63 15.23 4.62
CA HIS A 81 -20.09 15.17 4.83
C HIS A 81 -20.92 14.76 3.61
N ALA A 82 -20.40 13.85 2.80
CA ALA A 82 -21.09 13.47 1.55
C ALA A 82 -22.36 12.72 1.93
N ASP A 83 -23.47 13.06 1.26
CA ASP A 83 -24.73 12.33 1.41
C ASP A 83 -24.95 11.35 0.26
N GLY A 84 -24.05 11.41 -0.72
CA GLY A 84 -24.13 10.60 -1.91
C GLY A 84 -22.95 10.92 -2.81
N ASN A 85 -22.95 10.34 -4.01
CA ASN A 85 -21.86 10.50 -4.96
C ASN A 85 -22.35 10.27 -6.38
N ASN A 86 -21.78 10.99 -7.33
CA ASN A 86 -21.89 10.63 -8.73
C ASN A 86 -20.62 9.89 -9.13
N ILE A 87 -20.79 8.68 -9.67
CA ILE A 87 -19.72 7.90 -10.29
C ILE A 87 -19.87 8.09 -11.80
N ALA A 88 -18.77 8.39 -12.48
CA ALA A 88 -18.81 8.57 -13.93
C ALA A 88 -17.57 8.01 -14.62
N ILE A 89 -17.77 7.46 -15.81
CA ILE A 89 -16.70 7.18 -16.76
C ILE A 89 -17.08 7.88 -18.05
N ASN A 90 -16.18 8.72 -18.56
CA ASN A 90 -16.44 9.45 -19.78
C ASN A 90 -15.69 8.73 -20.91
N ASP A 91 -16.41 7.89 -21.63
CA ASP A 91 -15.82 7.00 -22.64
C ASP A 91 -15.78 7.71 -23.99
N GLY A 92 -14.60 8.22 -24.36
CA GLY A 92 -14.45 8.86 -25.66
C GLY A 92 -14.64 10.37 -25.62
N LYS A 93 -14.04 11.03 -26.60
CA LYS A 93 -14.10 12.49 -26.69
C LYS A 93 -15.54 13.01 -26.77
N ALA A 94 -16.40 12.28 -27.48
CA ALA A 94 -17.81 12.64 -27.61
C ALA A 94 -18.53 12.66 -26.26
N ALA A 95 -18.00 11.89 -25.29
CA ALA A 95 -18.56 11.84 -23.95
C ALA A 95 -17.76 12.71 -22.95
N PHE A 96 -17.00 13.69 -23.48
CA PHE A 96 -16.27 14.69 -22.69
C PHE A 96 -14.88 14.24 -22.26
N GLN A 97 -14.40 13.11 -22.78
CA GLN A 97 -13.05 12.64 -22.40
C GLN A 97 -12.00 13.63 -22.88
N THR A 98 -11.10 14.05 -21.97
CA THR A 98 -10.00 14.97 -22.27
C THR A 98 -8.62 14.44 -21.84
N VAL A 99 -8.59 13.45 -20.95
CA VAL A 99 -7.36 12.74 -20.66
C VAL A 99 -7.53 11.30 -21.14
N PHE A 100 -6.67 10.92 -22.08
CA PHE A 100 -6.84 9.67 -22.81
C PHE A 100 -6.06 8.52 -22.15
N HIS A 101 -6.33 8.39 -20.85
CA HIS A 101 -5.93 7.26 -20.02
C HIS A 101 -7.20 7.01 -19.21
N ILE A 102 -7.74 5.79 -19.32
CA ILE A 102 -9.06 5.50 -18.75
C ILE A 102 -9.08 5.79 -17.24
N HIS A 103 -10.19 6.31 -16.75
CA HIS A 103 -10.32 6.63 -15.33
C HIS A 103 -11.79 6.82 -15.02
N LEU A 104 -12.08 6.86 -13.73
CA LEU A 104 -13.43 6.92 -13.20
C LEU A 104 -13.48 8.06 -12.19
N HIS A 105 -14.55 8.85 -12.26
CA HIS A 105 -14.79 9.94 -11.33
C HIS A 105 -15.68 9.49 -10.17
N VAL A 106 -15.30 9.89 -8.96
CA VAL A 106 -16.17 9.89 -7.78
C VAL A 106 -16.35 11.34 -7.34
N VAL A 107 -17.56 11.87 -7.50
CA VAL A 107 -17.87 13.27 -7.16
C VAL A 107 -18.80 13.25 -5.96
N PRO A 108 -18.28 13.61 -4.77
CA PRO A 108 -19.15 13.68 -3.59
C PRO A 108 -20.26 14.69 -3.73
N ARG A 109 -21.44 14.35 -3.22
CA ARG A 109 -22.62 15.21 -3.28
C ARG A 109 -23.22 15.40 -1.89
N ARG A 110 -23.91 16.51 -1.72
CA ARG A 110 -24.54 16.85 -0.44
C ARG A 110 -25.96 17.30 -0.70
N ASN A 111 -26.86 16.96 0.21
CA ASN A 111 -28.26 17.37 0.10
C ASN A 111 -28.34 18.87 -0.10
N GLY A 112 -29.10 19.27 -1.12
CA GLY A 112 -29.31 20.69 -1.41
C GLY A 112 -28.08 21.45 -1.89
N ASP A 113 -27.10 20.75 -2.46
CA ASP A 113 -25.87 21.43 -2.94
C ASP A 113 -26.06 22.15 -4.27
N LYS A 114 -27.19 21.92 -4.94
CA LYS A 114 -27.53 22.62 -6.20
C LYS A 114 -26.44 22.47 -7.26
N LEU A 115 -25.71 21.35 -7.25
CA LEU A 115 -24.65 21.15 -8.23
C LEU A 115 -25.26 20.98 -9.62
N SER A 116 -24.60 21.61 -10.59
CA SER A 116 -24.94 21.45 -12.01
C SER A 116 -23.69 21.01 -12.76
N PHE A 117 -23.85 20.05 -13.67
CA PHE A 117 -22.72 19.52 -14.43
C PHE A 117 -22.59 20.23 -15.78
N ARG A 124 -14.57 25.71 -10.82
CA ARG A 124 -14.28 24.37 -10.30
C ARG A 124 -12.97 24.37 -9.49
N ARG A 125 -13.04 24.90 -8.26
CA ARG A 125 -11.86 25.14 -7.43
C ARG A 125 -12.14 24.87 -5.94
N ASP A 126 -11.28 24.06 -5.33
CA ASP A 126 -11.39 23.68 -3.93
C ASP A 126 -10.50 24.65 -3.15
N PRO A 127 -11.06 25.31 -2.09
CA PRO A 127 -10.22 26.21 -1.30
C PRO A 127 -9.05 25.55 -0.58
N ASP A 128 -9.17 24.25 -0.27
CA ASP A 128 -8.09 23.52 0.39
C ASP A 128 -8.11 22.04 0.02
N ARG A 129 -7.52 21.72 -1.13
CA ARG A 129 -7.51 20.33 -1.59
C ARG A 129 -6.74 19.41 -0.64
N GLU A 130 -5.67 19.93 -0.03
CA GLU A 130 -4.91 19.10 0.89
C GLU A 130 -5.81 18.63 2.05
N GLU A 131 -6.64 19.52 2.56
CA GLU A 131 -7.61 19.17 3.60
C GLU A 131 -8.62 18.14 3.10
N SER A 132 -9.17 18.36 1.91
CA SER A 132 -10.10 17.37 1.34
C SER A 132 -9.43 16.00 1.25
N GLY A 133 -8.17 15.96 0.82
CA GLY A 133 -7.43 14.69 0.72
C GLY A 133 -7.26 14.02 2.07
N ARG A 134 -6.87 14.79 3.06
CA ARG A 134 -6.68 14.30 4.42
C ARG A 134 -7.98 13.72 4.98
N LEU A 135 -9.08 14.43 4.77
CA LEU A 135 -10.39 13.93 5.22
C LEU A 135 -10.79 12.62 4.54
N LEU A 136 -10.55 12.51 3.24
CA LEU A 136 -10.85 11.25 2.55
C LEU A 136 -9.94 10.10 2.97
N ARG A 137 -8.65 10.39 3.15
CA ARG A 137 -7.71 9.36 3.63
C ARG A 137 -8.07 8.87 5.03
N ALA A 138 -8.48 9.78 5.90
CA ALA A 138 -8.89 9.41 7.23
C ALA A 138 -10.14 8.53 7.20
N ALA A 139 -11.09 8.86 6.32
CA ALA A 139 -12.32 8.06 6.18
C ALA A 139 -12.02 6.66 5.61
N LEU A 140 -11.15 6.59 4.60
CA LEU A 140 -10.71 5.31 4.03
C LEU A 140 -10.00 4.45 5.09
N ALA A 141 -9.09 5.06 5.85
CA ALA A 141 -8.43 4.37 6.97
C ALA A 141 -9.44 3.80 7.98
N GLN A 142 -10.51 4.56 8.23
CA GLN A 142 -11.55 4.16 9.17
C GLN A 142 -12.35 2.97 8.63
N LEU A 143 -12.70 2.98 7.35
CA LEU A 143 -13.35 1.83 6.70
C LEU A 143 -12.46 0.58 6.74
N ASP A 144 -11.15 0.77 6.57
CA ASP A 144 -10.19 -0.34 6.64
C ASP A 144 -10.14 -0.95 8.06
N SER A 145 -10.11 -0.11 9.08
CA SER A 145 -10.14 -0.55 10.47
C SER A 145 -11.40 -1.34 10.81
N ALA A 146 -12.54 -0.89 10.29
CA ALA A 146 -13.82 -1.58 10.50
C ALA A 146 -13.88 -2.96 9.83
N GLU A 147 -12.94 -3.24 8.90
CA GLU A 147 -12.80 -4.56 8.26
C GLU A 147 -11.47 -5.21 8.64
N SER B 6 8.06 -5.51 29.45
CA SER B 6 7.08 -5.81 28.37
C SER B 6 7.74 -5.68 27.00
N CYS B 7 7.87 -6.79 26.30
CA CYS B 7 8.46 -6.80 24.97
C CYS B 7 7.42 -7.32 23.99
N VAL B 8 7.01 -6.46 23.07
CA VAL B 8 5.99 -6.79 22.09
C VAL B 8 6.41 -7.95 21.18
N PHE B 9 7.70 -8.03 20.85
CA PHE B 9 8.19 -9.15 20.03
C PHE B 9 8.19 -10.46 20.83
N CYS B 10 8.53 -10.42 22.11
CA CYS B 10 8.35 -11.60 22.98
C CYS B 10 6.87 -12.01 23.07
N ALA B 11 5.98 -11.02 23.16
CA ALA B 11 4.53 -11.30 23.18
C ALA B 11 4.09 -11.98 21.89
N ILE B 12 4.58 -11.51 20.75
CA ILE B 12 4.28 -12.15 19.47
C ILE B 12 4.83 -13.59 19.43
N VAL B 13 6.07 -13.77 19.85
CA VAL B 13 6.70 -15.10 19.85
C VAL B 13 5.92 -16.10 20.72
N SER B 14 5.41 -15.62 21.85
CA SER B 14 4.64 -16.43 22.80
CA SER B 14 4.66 -16.48 22.76
C SER B 14 3.19 -16.64 22.37
N GLY B 15 2.76 -15.98 21.29
CA GLY B 15 1.38 -16.06 20.82
C GLY B 15 0.37 -15.22 21.60
N ASP B 16 0.88 -14.26 22.39
CA ASP B 16 0.02 -13.42 23.22
C ASP B 16 -0.31 -12.08 22.57
N ALA B 17 0.26 -11.83 21.40
CA ALA B 17 -0.07 -10.64 20.62
C ALA B 17 -0.17 -11.04 19.15
N PRO B 18 -1.01 -10.33 18.37
CA PRO B 18 -1.23 -10.80 17.00
C PRO B 18 -0.07 -10.50 16.04
N ALA B 19 0.04 -11.31 14.99
CA ALA B 19 1.02 -11.07 13.93
C ALA B 19 0.67 -11.87 12.69
N ILE B 20 1.01 -11.33 11.54
CA ILE B 20 0.93 -12.10 10.31
C ILE B 20 2.31 -12.73 10.15
N ARG B 21 2.35 -14.05 10.30
CA ARG B 21 3.60 -14.81 10.28
CA ARG B 21 3.61 -14.79 10.27
C ARG B 21 3.84 -15.35 8.88
N ILE B 22 5.10 -15.28 8.42
CA ILE B 22 5.43 -15.81 7.12
C ILE B 22 6.52 -16.88 7.14
N TYR B 23 7.24 -16.98 8.26
CA TYR B 23 8.38 -17.89 8.39
C TYR B 23 8.57 -18.33 9.84
N GLU B 24 8.83 -19.61 10.03
CA GLU B 24 9.22 -20.11 11.36
C GLU B 24 10.19 -21.28 11.25
N ASP B 25 11.23 -21.25 12.08
CA ASP B 25 12.07 -22.42 12.33
C ASP B 25 12.31 -22.48 13.84
N GLU B 26 13.24 -23.31 14.29
CA GLU B 26 13.44 -23.51 15.73
C GLU B 26 13.84 -22.21 16.43
N ASN B 27 14.54 -21.32 15.73
CA ASN B 27 15.17 -20.15 16.37
C ASN B 27 14.62 -18.79 15.95
N PHE B 28 13.89 -18.73 14.84
CA PHE B 28 13.47 -17.44 14.27
C PHE B 28 12.02 -17.44 13.82
N LEU B 29 11.39 -16.28 13.97
CA LEU B 29 10.08 -16.03 13.37
C LEU B 29 10.21 -14.90 12.35
N GLY B 30 9.55 -15.05 11.21
CA GLY B 30 9.38 -13.98 10.25
C GLY B 30 7.95 -13.46 10.29
N ILE B 31 7.78 -12.16 10.57
CA ILE B 31 6.45 -11.55 10.60
C ILE B 31 6.39 -10.28 9.73
N LEU B 32 5.19 -9.94 9.27
CA LEU B 32 5.02 -8.68 8.54
C LEU B 32 5.04 -7.52 9.52
N ASP B 33 5.74 -6.46 9.16
CA ASP B 33 5.73 -5.22 9.94
C ASP B 33 4.31 -4.65 9.93
N ILE B 34 3.89 -4.04 11.05
CA ILE B 34 2.56 -3.42 11.11
C ILE B 34 2.54 -2.01 10.53
N ARG B 35 3.72 -1.46 10.26
CA ARG B 35 3.86 -0.17 9.59
C ARG B 35 4.82 -0.37 8.40
N PRO B 36 4.36 -1.12 7.39
CA PRO B 36 5.22 -1.45 6.26
C PRO B 36 5.63 -0.21 5.43
N PHE B 37 6.90 -0.16 5.04
CA PHE B 37 7.39 0.84 4.08
C PHE B 37 6.94 0.45 2.68
N THR B 38 6.89 -0.86 2.42
CA THR B 38 6.42 -1.43 1.17
C THR B 38 5.70 -2.73 1.49
N ARG B 39 4.94 -3.26 0.53
CA ARG B 39 4.24 -4.54 0.74
C ARG B 39 5.25 -5.65 0.88
N GLY B 40 5.03 -6.48 1.88
CA GLY B 40 5.94 -7.56 2.19
C GLY B 40 7.06 -7.20 3.15
N HIS B 41 7.07 -5.96 3.65
CA HIS B 41 8.06 -5.52 4.65
C HIS B 41 8.03 -6.49 5.83
N THR B 42 9.13 -7.20 6.05
CA THR B 42 9.17 -8.29 7.00
C THR B 42 10.21 -8.04 8.08
N LEU B 43 9.92 -8.53 9.29
CA LEU B 43 10.89 -8.55 10.39
C LEU B 43 11.29 -9.99 10.69
N VAL B 44 12.59 -10.25 10.77
CA VAL B 44 13.10 -11.54 11.22
C VAL B 44 13.49 -11.38 12.69
N ILE B 45 12.86 -12.18 13.53
CA ILE B 45 12.88 -12.01 14.98
C ILE B 45 13.37 -13.27 15.66
N PRO B 46 14.56 -13.23 16.28
CA PRO B 46 14.98 -14.38 17.07
C PRO B 46 13.98 -14.65 18.19
N LYS B 47 13.67 -15.92 18.41
CA LYS B 47 12.74 -16.30 19.48
C LYS B 47 13.33 -15.97 20.86
N THR B 48 14.66 -16.00 20.97
CA THR B 48 15.33 -15.60 22.21
C THR B 48 15.43 -14.08 22.31
N HIS B 49 15.04 -13.54 23.45
CA HIS B 49 15.12 -12.11 23.70
C HIS B 49 16.56 -11.68 24.01
N THR B 50 17.18 -11.05 23.02
CA THR B 50 18.32 -10.16 23.25
C THR B 50 17.99 -8.88 22.51
N VAL B 51 18.72 -7.81 22.81
CA VAL B 51 18.30 -6.47 22.42
C VAL B 51 18.98 -5.95 21.16
N ASP B 52 20.30 -6.07 21.07
CA ASP B 52 21.04 -5.42 19.95
C ASP B 52 22.37 -6.13 19.65
N LEU B 53 23.27 -5.48 18.91
CA LEU B 53 24.53 -6.15 18.54
C LEU B 53 25.50 -6.33 19.70
N THR B 54 25.28 -5.65 20.83
CA THR B 54 26.17 -5.77 21.98
C THR B 54 25.90 -7.03 22.80
N ASP B 55 24.67 -7.51 22.81
CA ASP B 55 24.28 -8.64 23.65
C ASP B 55 23.78 -9.89 22.89
N THR B 56 23.65 -9.79 21.57
CA THR B 56 23.16 -10.91 20.77
C THR B 56 24.34 -11.75 20.31
N PRO B 57 24.31 -13.08 20.58
CA PRO B 57 25.39 -13.95 20.13
C PRO B 57 25.62 -13.86 18.62
N PRO B 58 26.90 -13.93 18.18
CA PRO B 58 27.17 -13.91 16.74
C PRO B 58 26.41 -14.97 15.92
N GLU B 59 26.25 -16.17 16.48
CA GLU B 59 25.53 -17.25 15.80
C GLU B 59 24.09 -16.84 15.49
N THR B 60 23.46 -16.11 16.40
CA THR B 60 22.10 -15.60 16.20
C THR B 60 22.02 -14.52 15.10
N VAL B 61 22.97 -13.59 15.10
CA VAL B 61 23.03 -12.54 14.08
C VAL B 61 23.23 -13.20 12.71
N ALA B 62 24.17 -14.14 12.65
CA ALA B 62 24.46 -14.87 11.41
C ALA B 62 23.23 -15.62 10.90
N GLY B 63 22.52 -16.31 11.79
CA GLY B 63 21.30 -17.00 11.43
C GLY B 63 20.19 -16.05 10.98
N MET B 64 20.10 -14.92 11.66
CA MET B 64 19.08 -13.92 11.35
C MET B 64 19.28 -13.40 9.93
N ALA B 65 20.54 -13.16 9.57
CA ALA B 65 20.89 -12.71 8.22
C ALA B 65 20.55 -13.75 7.16
N ALA B 66 20.88 -15.02 7.42
CA ALA B 66 20.51 -16.12 6.51
C ALA B 66 19.00 -16.21 6.28
N VAL B 67 18.20 -16.12 7.35
CA VAL B 67 16.74 -16.11 7.20
C VAL B 67 16.30 -14.87 6.39
N GLY B 68 16.90 -13.72 6.67
CA GLY B 68 16.62 -12.51 5.92
C GLY B 68 16.84 -12.67 4.42
N GLN B 69 17.95 -13.29 4.05
CA GLN B 69 18.24 -13.60 2.64
C GLN B 69 17.16 -14.51 2.01
N ARG B 70 16.71 -15.52 2.75
CA ARG B 70 15.67 -16.43 2.27
C ARG B 70 14.38 -15.66 1.95
N ILE B 71 14.01 -14.75 2.85
CA ILE B 71 12.82 -13.91 2.67
C ILE B 71 13.00 -12.94 1.50
N ALA B 72 14.19 -12.36 1.37
CA ALA B 72 14.50 -11.47 0.24
C ALA B 72 14.35 -12.20 -1.11
N ARG B 73 14.88 -13.42 -1.17
CA ARG B 73 14.76 -14.25 -2.37
C ARG B 73 13.29 -14.60 -2.63
N ALA B 74 12.55 -14.95 -1.58
CA ALA B 74 11.13 -15.23 -1.71
C ALA B 74 10.36 -14.01 -2.23
N ALA B 75 10.62 -12.84 -1.67
CA ALA B 75 9.96 -11.62 -2.14
C ALA B 75 10.17 -11.43 -3.65
N ARG B 76 11.40 -11.65 -4.10
CA ARG B 76 11.75 -11.50 -5.48
C ARG B 76 11.01 -12.49 -6.39
N GLU B 77 10.79 -13.71 -5.90
CA GLU B 77 10.10 -14.74 -6.66
C GLU B 77 8.59 -14.76 -6.42
N SER B 78 8.09 -13.88 -5.56
CA SER B 78 6.67 -13.92 -5.16
C SER B 78 5.81 -13.06 -6.09
N GLY B 79 4.50 -13.13 -5.87
CA GLY B 79 3.53 -12.27 -6.54
C GLY B 79 3.61 -10.80 -6.17
N LEU B 80 4.39 -10.49 -5.13
CA LEU B 80 4.71 -9.10 -4.82
C LEU B 80 5.74 -8.51 -5.79
N HIS B 81 6.41 -9.36 -6.56
CA HIS B 81 7.33 -8.93 -7.64
C HIS B 81 8.44 -7.96 -7.18
N ALA B 82 9.08 -8.26 -6.06
CA ALA B 82 10.20 -7.46 -5.63
C ALA B 82 11.34 -7.53 -6.66
N ASP B 83 11.97 -6.39 -6.93
CA ASP B 83 13.14 -6.32 -7.83
C ASP B 83 14.45 -6.17 -7.04
N GLY B 84 14.31 -6.19 -5.71
CA GLY B 84 15.41 -5.95 -4.80
C GLY B 84 14.86 -5.89 -3.39
N ASN B 85 15.78 -5.71 -2.43
CA ASN B 85 15.41 -5.62 -1.00
C ASN B 85 16.43 -4.79 -0.26
N ASN B 86 15.96 -3.98 0.69
CA ASN B 86 16.83 -3.41 1.70
C ASN B 86 16.79 -4.28 2.97
N ILE B 87 17.96 -4.73 3.39
CA ILE B 87 18.11 -5.43 4.65
C ILE B 87 18.66 -4.44 5.65
N ALA B 88 18.07 -4.41 6.83
CA ALA B 88 18.52 -3.49 7.88
C ALA B 88 18.51 -4.11 9.27
N ILE B 89 19.53 -3.77 10.04
CA ILE B 89 19.53 -3.98 11.48
C ILE B 89 19.82 -2.63 12.09
N ASN B 90 18.95 -2.20 13.00
CA ASN B 90 19.11 -0.94 13.71
C ASN B 90 19.60 -1.26 15.13
N ASP B 91 20.91 -1.11 15.31
CA ASP B 91 21.61 -1.50 16.53
C ASP B 91 21.64 -0.28 17.43
N GLY B 92 20.71 -0.24 18.39
CA GLY B 92 20.67 0.83 19.38
C GLY B 92 19.71 1.96 19.04
N LYS B 93 19.20 2.57 20.11
CA LYS B 93 18.32 3.74 20.02
C LYS B 93 18.91 4.82 19.12
N ALA B 94 20.22 5.06 19.23
CA ALA B 94 20.92 6.03 18.36
C ALA B 94 20.76 5.76 16.86
N ALA B 95 20.57 4.49 16.53
CA ALA B 95 20.42 4.04 15.13
C ALA B 95 18.97 3.77 14.73
N PHE B 96 18.05 4.44 15.43
CA PHE B 96 16.59 4.35 15.20
C PHE B 96 15.91 3.14 15.85
N GLN B 97 16.57 2.38 16.71
CA GLN B 97 15.89 1.22 17.33
C GLN B 97 14.76 1.69 18.26
N THR B 98 13.57 1.10 18.08
CA THR B 98 12.42 1.41 18.95
C THR B 98 11.77 0.18 19.61
N VAL B 99 11.98 -1.02 19.06
CA VAL B 99 11.60 -2.24 19.74
C VAL B 99 12.88 -2.91 20.22
N PHE B 100 13.00 -3.10 21.53
CA PHE B 100 14.28 -3.50 22.12
C PHE B 100 14.40 -4.99 22.28
N HIS B 101 14.31 -5.65 21.13
CA HIS B 101 14.46 -7.09 20.96
C HIS B 101 15.07 -7.12 19.55
N ILE B 102 16.22 -7.76 19.41
CA ILE B 102 16.99 -7.72 18.15
C ILE B 102 16.12 -8.24 17.00
N HIS B 103 16.26 -7.61 15.85
CA HIS B 103 15.52 -8.02 14.68
C HIS B 103 16.17 -7.43 13.46
N LEU B 104 15.77 -7.96 12.31
CA LEU B 104 16.32 -7.55 11.02
C LEU B 104 15.14 -7.28 10.08
N HIS B 105 15.21 -6.18 9.35
CA HIS B 105 14.18 -5.77 8.41
C HIS B 105 14.51 -6.32 7.04
N VAL B 106 13.49 -6.80 6.34
CA VAL B 106 13.57 -7.06 4.89
C VAL B 106 12.50 -6.19 4.26
N VAL B 107 12.91 -5.17 3.50
CA VAL B 107 12.00 -4.24 2.84
C VAL B 107 12.06 -4.47 1.35
N PRO B 108 11.02 -5.10 0.78
CA PRO B 108 11.02 -5.34 -0.66
C PRO B 108 10.97 -4.03 -1.46
N ARG B 109 11.69 -4.02 -2.57
CA ARG B 109 11.81 -2.84 -3.39
C ARG B 109 11.45 -3.19 -4.80
N ARG B 110 10.96 -2.20 -5.55
CA ARG B 110 10.68 -2.38 -6.95
C ARG B 110 11.31 -1.26 -7.78
N ASN B 111 11.63 -1.60 -9.03
CA ASN B 111 12.19 -0.62 -9.95
C ASN B 111 11.20 0.56 -10.10
N GLY B 112 11.71 1.77 -9.91
CA GLY B 112 10.92 2.97 -10.10
C GLY B 112 9.95 3.24 -8.95
N ASP B 113 10.14 2.57 -7.81
CA ASP B 113 9.20 2.77 -6.69
C ASP B 113 9.37 4.12 -5.99
N LYS B 114 10.50 4.79 -6.23
CA LYS B 114 10.79 6.10 -5.65
C LYS B 114 10.58 6.16 -4.13
N LEU B 115 10.79 5.05 -3.45
CA LEU B 115 10.65 5.01 -2.00
C LEU B 115 11.67 5.98 -1.39
N SER B 116 11.22 6.73 -0.38
CA SER B 116 12.13 7.43 0.53
C SER B 116 11.85 6.89 1.94
N PHE B 117 12.90 6.66 2.70
CA PHE B 117 12.76 6.16 4.06
C PHE B 117 12.55 7.29 5.06
N ARG B 124 2.25 4.79 5.73
CA ARG B 124 3.04 3.56 5.81
C ARG B 124 2.15 2.31 6.01
N ARG B 125 1.15 2.16 5.14
CA ARG B 125 0.21 1.02 5.20
C ARG B 125 0.22 0.22 3.88
N ASP B 126 -0.38 -0.98 3.93
CA ASP B 126 -0.39 -1.98 2.85
C ASP B 126 -1.88 -2.26 2.52
N PRO B 127 -2.26 -2.33 1.23
CA PRO B 127 -3.69 -2.55 0.92
C PRO B 127 -4.29 -3.88 1.46
N ASP B 128 -3.46 -4.91 1.63
CA ASP B 128 -3.94 -6.23 2.02
C ASP B 128 -2.75 -7.02 2.56
N ARG B 129 -2.43 -6.80 3.84
CA ARG B 129 -1.29 -7.47 4.46
C ARG B 129 -1.48 -8.97 4.48
N GLU B 130 -2.71 -9.45 4.66
CA GLU B 130 -2.93 -10.90 4.66
C GLU B 130 -2.55 -11.50 3.31
N GLU B 131 -2.90 -10.82 2.21
CA GLU B 131 -2.49 -11.27 0.87
CA GLU B 131 -2.50 -11.29 0.88
C GLU B 131 -0.97 -11.24 0.74
N SER B 132 -0.36 -10.13 1.15
CA SER B 132 1.11 -10.05 1.14
C SER B 132 1.74 -11.26 1.84
N GLY B 133 1.17 -11.65 2.99
CA GLY B 133 1.65 -12.83 3.73
C GLY B 133 1.50 -14.12 2.94
N ARG B 134 0.32 -14.32 2.36
CA ARG B 134 0.05 -15.48 1.50
C ARG B 134 1.06 -15.59 0.39
N LEU B 135 1.32 -14.47 -0.27
CA LEU B 135 2.23 -14.45 -1.42
C LEU B 135 3.66 -14.79 -1.01
N LEU B 136 4.11 -14.24 0.10
CA LEU B 136 5.45 -14.52 0.61
C LEU B 136 5.55 -15.98 1.06
N ARG B 137 4.53 -16.51 1.75
CA ARG B 137 4.57 -17.91 2.17
C ARG B 137 4.62 -18.88 0.99
N ALA B 138 3.90 -18.57 -0.08
CA ALA B 138 3.90 -19.40 -1.29
C ALA B 138 5.29 -19.40 -1.92
N ALA B 139 5.93 -18.25 -2.03
CA ALA B 139 7.29 -18.16 -2.56
C ALA B 139 8.31 -18.89 -1.65
N LEU B 140 8.12 -18.82 -0.34
CA LEU B 140 9.00 -19.54 0.58
C LEU B 140 8.86 -21.06 0.41
N ALA B 141 7.63 -21.53 0.20
CA ALA B 141 7.37 -22.95 -0.05
C ALA B 141 8.04 -23.38 -1.36
N GLN B 142 8.00 -22.51 -2.36
CA GLN B 142 8.72 -22.75 -3.63
C GLN B 142 10.22 -22.91 -3.41
N LEU B 143 10.82 -21.98 -2.67
CA LEU B 143 12.25 -22.07 -2.33
C LEU B 143 12.58 -23.30 -1.50
N ASP B 144 11.69 -23.68 -0.59
CA ASP B 144 11.93 -24.83 0.28
C ASP B 144 12.00 -26.15 -0.47
N SER B 145 11.04 -26.36 -1.36
CA SER B 145 11.01 -27.58 -2.17
C SER B 145 12.26 -27.74 -3.04
N ALA B 146 12.91 -26.63 -3.38
CA ALA B 146 14.13 -26.65 -4.17
C ALA B 146 15.34 -27.08 -3.34
#